data_1F0H
#
_entry.id   1F0H
#
_cell.length_a   1.000
_cell.length_b   1.000
_cell.length_c   1.000
_cell.angle_alpha   90.00
_cell.angle_beta   90.00
_cell.angle_gamma   90.00
#
_symmetry.space_group_name_H-M   'P 1'
#
_entity_poly.entity_id   1
_entity_poly.type   'polypeptide(L)'
_entity_poly.pdbx_seq_one_letter_code
;KAKLFKKIGIGKFLHSAKKF(NH2)
;
_entity_poly.pdbx_strand_id   A
#
# COMPACT_ATOMS: atom_id res chain seq x y z
N LYS A 1 -1.38 9.41 15.14
CA LYS A 1 -1.96 10.14 13.97
C LYS A 1 -2.05 9.22 12.75
N ALA A 2 -3.24 8.81 12.41
CA ALA A 2 -3.38 7.90 11.23
C ALA A 2 -4.72 8.15 10.52
N LYS A 3 -4.70 8.90 9.46
CA LYS A 3 -5.97 9.18 8.72
C LYS A 3 -5.71 9.07 7.22
N LEU A 4 -5.99 7.94 6.63
CA LEU A 4 -5.73 7.77 5.17
C LEU A 4 -6.58 6.63 4.60
N PHE A 5 -7.64 6.27 5.27
CA PHE A 5 -8.51 5.16 4.77
C PHE A 5 -9.26 5.62 3.52
N LYS A 6 -8.59 5.67 2.40
CA LYS A 6 -9.27 6.09 1.15
C LYS A 6 -8.72 5.29 -0.03
N LYS A 7 -8.01 4.24 0.24
CA LYS A 7 -7.42 3.43 -0.87
C LYS A 7 -7.53 1.93 -0.60
N ILE A 8 -7.78 1.15 -1.62
CA ILE A 8 -7.90 -0.32 -1.45
C ILE A 8 -7.03 -1.05 -2.48
N GLY A 9 -6.44 -0.32 -3.38
CA GLY A 9 -5.60 -0.97 -4.43
C GLY A 9 -4.15 -1.09 -3.97
N ILE A 10 -3.91 -0.97 -2.70
CA ILE A 10 -2.51 -1.09 -2.20
C ILE A 10 -2.11 -2.56 -2.06
N GLY A 11 -3.01 -3.45 -2.28
CA GLY A 11 -2.69 -4.91 -2.16
C GLY A 11 -1.47 -5.20 -3.03
N LYS A 12 -1.70 -5.43 -4.28
CA LYS A 12 -0.57 -5.73 -5.22
C LYS A 12 0.59 -4.77 -4.97
N PHE A 13 0.31 -3.57 -4.55
CA PHE A 13 1.41 -2.60 -4.27
C PHE A 13 2.35 -3.19 -3.24
N LEU A 14 1.81 -3.70 -2.19
CA LEU A 14 2.66 -4.30 -1.12
C LEU A 14 3.57 -5.38 -1.70
N HIS A 15 3.23 -5.88 -2.84
CA HIS A 15 4.06 -6.92 -3.48
C HIS A 15 5.29 -6.28 -4.11
N SER A 16 5.13 -5.09 -4.59
CA SER A 16 6.28 -4.38 -5.22
C SER A 16 7.27 -3.99 -4.12
N ALA A 17 6.80 -3.93 -2.92
CA ALA A 17 7.70 -3.59 -1.78
C ALA A 17 8.62 -4.77 -1.52
N LYS A 18 8.09 -5.95 -1.62
CA LYS A 18 8.94 -7.16 -1.40
C LYS A 18 9.99 -7.23 -2.51
N LYS A 19 9.79 -6.47 -3.56
CA LYS A 19 10.77 -6.49 -4.69
C LYS A 19 11.93 -5.55 -4.40
N PHE A 20 11.73 -4.59 -3.54
CA PHE A 20 12.83 -3.64 -3.20
C PHE A 20 13.31 -3.88 -1.75
N LYS A 1 13.85 -11.89 -0.34
CA LYS A 1 14.55 -12.19 -1.62
C LYS A 1 13.59 -12.06 -2.80
N ALA A 2 12.38 -12.52 -2.64
CA ALA A 2 11.40 -12.41 -3.76
C ALA A 2 11.17 -10.94 -4.12
N LYS A 3 10.50 -10.67 -5.21
CA LYS A 3 10.27 -9.25 -5.61
C LYS A 3 8.95 -9.13 -6.38
N LEU A 4 7.84 -9.27 -5.71
CA LEU A 4 6.52 -9.14 -6.41
C LEU A 4 5.59 -8.21 -5.61
N PHE A 5 6.15 -7.30 -4.86
CA PHE A 5 5.30 -6.37 -4.06
C PHE A 5 4.83 -5.19 -4.92
N LYS A 6 3.74 -5.35 -5.63
CA LYS A 6 3.22 -4.24 -6.48
C LYS A 6 1.74 -4.04 -6.21
N LYS A 7 1.24 -4.57 -5.12
CA LYS A 7 -0.21 -4.40 -4.82
C LYS A 7 -0.51 -4.88 -3.40
N ILE A 8 0.20 -4.40 -2.42
CA ILE A 8 -0.06 -4.85 -1.02
C ILE A 8 -0.04 -3.67 -0.05
N GLY A 9 0.61 -2.61 -0.40
CA GLY A 9 0.67 -1.43 0.51
C GLY A 9 -0.05 -0.25 -0.14
N ILE A 10 -0.29 -0.31 -1.41
CA ILE A 10 -1.00 0.81 -2.10
C ILE A 10 -2.50 0.57 -2.11
N GLY A 11 -2.93 -0.57 -1.65
CA GLY A 11 -4.38 -0.87 -1.63
C GLY A 11 -5.04 -0.08 -0.51
N LYS A 12 -4.63 -0.33 0.69
CA LYS A 12 -5.21 0.39 1.85
C LYS A 12 -4.50 1.73 2.06
N PHE A 13 -3.61 2.09 1.17
CA PHE A 13 -2.89 3.39 1.33
C PHE A 13 -3.89 4.53 1.36
N LEU A 14 -4.77 4.55 0.41
CA LEU A 14 -5.79 5.63 0.37
C LEU A 14 -6.58 5.62 1.68
N HIS A 15 -6.51 4.54 2.41
CA HIS A 15 -7.24 4.46 3.70
C HIS A 15 -6.45 5.16 4.80
N SER A 16 -5.20 4.82 4.91
CA SER A 16 -4.35 5.48 5.95
C SER A 16 -4.29 6.98 5.68
N ALA A 17 -4.68 7.37 4.50
CA ALA A 17 -4.67 8.82 4.17
C ALA A 17 -5.91 9.47 4.77
N LYS A 18 -6.99 8.76 4.76
CA LYS A 18 -8.24 9.31 5.35
C LYS A 18 -8.05 9.44 6.86
N LYS A 19 -7.08 8.75 7.38
CA LYS A 19 -6.80 8.83 8.85
C LYS A 19 -5.89 10.02 9.14
N PHE A 20 -5.32 10.59 8.12
CA PHE A 20 -4.42 11.75 8.32
C PHE A 20 -5.21 13.06 8.36
N LYS A 1 13.72 -14.07 -7.64
CA LYS A 1 13.34 -15.14 -6.67
C LYS A 1 12.95 -14.51 -5.33
N ALA A 2 11.71 -14.68 -4.94
CA ALA A 2 11.26 -14.10 -3.64
C ALA A 2 11.59 -12.60 -3.59
N LYS A 3 10.72 -11.77 -4.10
CA LYS A 3 10.98 -10.30 -4.08
C LYS A 3 9.85 -9.56 -4.79
N LEU A 4 9.31 -8.54 -4.18
CA LEU A 4 8.19 -7.79 -4.83
C LEU A 4 7.77 -6.59 -3.96
N PHE A 5 8.72 -5.86 -3.42
CA PHE A 5 8.37 -4.70 -2.57
C PHE A 5 8.19 -3.44 -3.44
N LYS A 6 7.25 -3.48 -4.33
CA LYS A 6 6.99 -2.31 -5.20
C LYS A 6 5.54 -2.34 -5.64
N LYS A 7 4.71 -3.02 -4.90
CA LYS A 7 3.26 -3.10 -5.27
C LYS A 7 2.44 -3.74 -4.15
N ILE A 8 1.62 -2.97 -3.49
CA ILE A 8 0.78 -3.53 -2.39
C ILE A 8 -0.69 -3.15 -2.57
N GLY A 9 -0.97 -2.33 -3.54
CA GLY A 9 -2.39 -1.90 -3.76
C GLY A 9 -2.64 -0.58 -3.05
N ILE A 10 -2.68 0.49 -3.79
CA ILE A 10 -2.91 1.82 -3.17
C ILE A 10 -4.42 2.04 -2.94
N GLY A 11 -5.23 1.13 -3.39
CA GLY A 11 -6.70 1.29 -3.19
C GLY A 11 -7.00 1.46 -1.71
N LYS A 12 -6.29 0.77 -0.88
CA LYS A 12 -6.51 0.88 0.59
C LYS A 12 -5.72 2.06 1.15
N PHE A 13 -4.76 2.55 0.42
CA PHE A 13 -3.96 3.70 0.92
C PHE A 13 -4.89 4.86 1.25
N LEU A 14 -5.72 5.20 0.33
CA LEU A 14 -6.68 6.32 0.56
C LEU A 14 -7.47 6.07 1.84
N HIS A 15 -7.50 4.85 2.29
CA HIS A 15 -8.24 4.53 3.53
C HIS A 15 -7.36 4.84 4.74
N SER A 16 -6.18 4.32 4.75
CA SER A 16 -5.26 4.59 5.90
C SER A 16 -4.90 6.06 5.92
N ALA A 17 -5.01 6.70 4.79
CA ALA A 17 -4.69 8.15 4.74
C ALA A 17 -5.87 8.93 5.31
N LYS A 18 -7.05 8.47 5.05
CA LYS A 18 -8.24 9.16 5.62
C LYS A 18 -8.32 8.85 7.11
N LYS A 19 -7.50 7.93 7.56
CA LYS A 19 -7.48 7.58 9.01
C LYS A 19 -6.63 8.60 9.75
N PHE A 20 -5.71 9.19 9.06
CA PHE A 20 -4.82 10.19 9.71
C PHE A 20 -5.03 11.56 9.04
N LYS A 1 17.04 -9.96 -0.25
CA LYS A 1 16.71 -11.09 -1.17
C LYS A 1 15.30 -10.91 -1.74
N ALA A 2 15.09 -11.27 -2.97
CA ALA A 2 13.73 -11.12 -3.57
C ALA A 2 13.39 -9.64 -3.75
N LYS A 3 13.11 -9.23 -4.95
CA LYS A 3 12.77 -7.79 -5.18
C LYS A 3 11.59 -7.69 -6.15
N LEU A 4 10.48 -7.17 -5.70
CA LEU A 4 9.29 -7.04 -6.59
C LEU A 4 8.16 -6.30 -5.88
N PHE A 5 8.50 -5.42 -4.97
CA PHE A 5 7.43 -4.68 -4.24
C PHE A 5 6.60 -3.85 -5.22
N LYS A 6 5.67 -4.49 -5.89
CA LYS A 6 4.82 -3.76 -6.85
C LYS A 6 3.46 -4.46 -6.96
N LYS A 7 3.13 -5.30 -6.01
CA LYS A 7 1.82 -6.01 -6.06
C LYS A 7 1.23 -6.17 -4.66
N ILE A 8 0.31 -5.33 -4.31
CA ILE A 8 -0.33 -5.43 -2.95
C ILE A 8 -1.84 -5.22 -3.08
N GLY A 9 -2.33 -4.05 -2.75
CA GLY A 9 -3.79 -3.81 -2.86
C GLY A 9 -4.27 -2.91 -1.70
N ILE A 10 -3.41 -2.64 -0.76
CA ILE A 10 -3.82 -1.77 0.38
C ILE A 10 -3.44 -0.32 0.12
N GLY A 11 -2.73 -0.07 -0.95
CA GLY A 11 -2.33 1.34 -1.26
C GLY A 11 -3.55 2.24 -1.13
N LYS A 12 -4.71 1.68 -1.32
CA LYS A 12 -5.96 2.49 -1.20
C LYS A 12 -6.32 2.63 0.28
N PHE A 13 -6.39 1.54 0.99
CA PHE A 13 -6.70 1.63 2.44
C PHE A 13 -5.66 2.52 3.09
N LEU A 14 -4.44 2.29 2.75
CA LEU A 14 -3.32 3.10 3.32
C LEU A 14 -3.62 4.58 3.10
N HIS A 15 -4.30 4.90 2.04
CA HIS A 15 -4.63 6.32 1.77
C HIS A 15 -5.75 6.75 2.70
N SER A 16 -6.77 5.97 2.76
CA SER A 16 -7.92 6.30 3.67
C SER A 16 -7.46 6.17 5.11
N ALA A 17 -6.38 5.48 5.32
CA ALA A 17 -5.84 5.32 6.70
C ALA A 17 -5.07 6.58 7.07
N LYS A 18 -4.45 7.18 6.10
CA LYS A 18 -3.70 8.43 6.36
C LYS A 18 -4.70 9.58 6.53
N LYS A 19 -5.93 9.32 6.17
CA LYS A 19 -6.99 10.37 6.31
C LYS A 19 -7.57 10.33 7.72
N PHE A 20 -7.60 9.17 8.30
CA PHE A 20 -8.15 9.03 9.68
C PHE A 20 -7.02 8.99 10.71
N LYS A 1 9.31 -16.06 -8.80
CA LYS A 1 9.79 -15.66 -7.45
C LYS A 1 10.10 -14.16 -7.41
N ALA A 2 10.53 -13.61 -8.51
CA ALA A 2 10.85 -12.15 -8.54
C ALA A 2 9.61 -11.32 -8.20
N LYS A 3 9.28 -11.21 -6.94
CA LYS A 3 8.08 -10.41 -6.55
C LYS A 3 8.29 -9.78 -5.17
N LEU A 4 7.99 -8.51 -5.04
CA LEU A 4 8.17 -7.85 -3.72
C LEU A 4 7.14 -6.72 -3.57
N PHE A 5 5.90 -7.00 -3.84
CA PHE A 5 4.85 -5.95 -3.71
C PHE A 5 4.73 -5.51 -2.25
N LYS A 6 5.68 -4.78 -1.76
CA LYS A 6 5.64 -4.32 -0.35
C LYS A 6 6.07 -2.86 -0.26
N LYS A 7 6.24 -2.21 -1.39
CA LYS A 7 6.67 -0.78 -1.36
C LYS A 7 6.70 -0.20 -2.78
N ILE A 8 5.58 0.24 -3.28
CA ILE A 8 5.54 0.82 -4.65
C ILE A 8 4.85 2.18 -4.63
N GLY A 9 4.35 2.59 -3.49
CA GLY A 9 3.66 3.89 -3.40
C GLY A 9 2.33 3.73 -2.68
N ILE A 10 2.02 2.54 -2.22
CA ILE A 10 0.73 2.32 -1.51
C ILE A 10 0.76 3.04 -0.16
N GLY A 11 1.89 3.58 0.21
CA GLY A 11 1.96 4.30 1.52
C GLY A 11 0.82 5.30 1.60
N LYS A 12 0.33 5.72 0.48
CA LYS A 12 -0.80 6.70 0.47
C LYS A 12 -2.14 5.95 0.60
N PHE A 13 -2.30 4.88 -0.11
CA PHE A 13 -3.58 4.11 -0.01
C PHE A 13 -3.78 3.70 1.44
N LEU A 14 -2.75 3.21 2.03
CA LEU A 14 -2.82 2.78 3.45
C LEU A 14 -3.24 3.95 4.32
N HIS A 15 -3.01 5.15 3.84
CA HIS A 15 -3.39 6.35 4.62
C HIS A 15 -4.86 6.70 4.33
N SER A 16 -5.21 6.73 3.10
CA SER A 16 -6.62 7.05 2.73
C SER A 16 -7.53 5.95 3.28
N ALA A 17 -6.98 4.83 3.60
CA ALA A 17 -7.79 3.72 4.16
C ALA A 17 -8.03 3.98 5.63
N LYS A 18 -7.04 4.48 6.29
CA LYS A 18 -7.18 4.79 7.74
C LYS A 18 -8.07 6.01 7.89
N LYS A 19 -8.25 6.74 6.83
CA LYS A 19 -9.12 7.96 6.87
C LYS A 19 -10.58 7.57 6.61
N PHE A 20 -10.79 6.50 5.90
CA PHE A 20 -12.17 6.07 5.59
C PHE A 20 -12.48 4.73 6.28
N LYS A 1 -10.00 12.70 11.88
CA LYS A 1 -8.56 13.00 11.67
C LYS A 1 -8.12 12.51 10.28
N ALA A 2 -7.67 11.28 10.18
CA ALA A 2 -7.23 10.75 8.87
C ALA A 2 -7.82 9.37 8.63
N LYS A 3 -8.59 9.21 7.59
CA LYS A 3 -9.20 7.88 7.31
C LYS A 3 -9.72 7.84 5.87
N LEU A 4 -8.89 8.15 4.92
CA LEU A 4 -9.32 8.13 3.50
C LEU A 4 -8.13 7.83 2.58
N PHE A 5 -7.33 6.86 2.92
CA PHE A 5 -6.16 6.51 2.08
C PHE A 5 -6.61 6.22 0.65
N LYS A 6 -6.17 7.03 -0.28
CA LYS A 6 -6.57 6.81 -1.69
C LYS A 6 -5.33 6.82 -2.59
N LYS A 7 -4.17 6.96 -2.00
CA LYS A 7 -2.93 6.96 -2.83
C LYS A 7 -1.80 6.25 -2.10
N ILE A 8 -2.10 5.12 -1.52
CA ILE A 8 -1.05 4.36 -0.79
C ILE A 8 -1.08 2.88 -1.20
N GLY A 9 -2.03 2.51 -2.01
CA GLY A 9 -2.11 1.09 -2.46
C GLY A 9 -1.08 0.86 -3.55
N ILE A 10 -0.60 1.91 -4.13
CA ILE A 10 0.43 1.77 -5.20
C ILE A 10 1.82 2.03 -4.62
N GLY A 11 1.88 2.52 -3.41
CA GLY A 11 3.20 2.78 -2.78
C GLY A 11 3.72 1.49 -2.17
N LYS A 12 2.83 0.69 -1.68
CA LYS A 12 3.23 -0.62 -1.08
C LYS A 12 3.55 -1.60 -2.20
N PHE A 13 2.89 -1.45 -3.32
CA PHE A 13 3.14 -2.36 -4.47
C PHE A 13 4.65 -2.49 -4.71
N LEU A 14 5.25 -1.43 -5.13
CA LEU A 14 6.71 -1.46 -5.38
C LEU A 14 7.42 -2.04 -4.17
N HIS A 15 6.77 -1.97 -3.03
CA HIS A 15 7.38 -2.54 -1.80
C HIS A 15 7.17 -4.05 -1.79
N SER A 16 5.97 -4.47 -2.02
CA SER A 16 5.69 -5.93 -2.07
C SER A 16 6.34 -6.49 -3.34
N ALA A 17 6.67 -5.63 -4.25
CA ALA A 17 7.34 -6.09 -5.51
C ALA A 17 8.79 -6.39 -5.21
N LYS A 18 9.36 -5.62 -4.34
CA LYS A 18 10.79 -5.87 -3.97
C LYS A 18 10.85 -7.16 -3.16
N LYS A 19 9.71 -7.62 -2.71
CA LYS A 19 9.68 -8.88 -1.92
C LYS A 19 9.78 -10.07 -2.89
N PHE A 20 9.22 -9.91 -4.05
CA PHE A 20 9.27 -11.00 -5.06
C PHE A 20 10.06 -10.53 -6.28
N LYS A 1 -7.80 10.31 13.04
CA LYS A 1 -6.56 9.55 12.74
C LYS A 1 -6.75 8.68 11.49
N ALA A 2 -7.94 8.17 11.29
CA ALA A 2 -8.18 7.32 10.09
C ALA A 2 -9.47 7.74 9.39
N LYS A 3 -9.41 8.76 8.58
CA LYS A 3 -10.64 9.21 7.87
C LYS A 3 -10.33 9.44 6.39
N LEU A 4 -9.65 8.53 5.78
CA LEU A 4 -9.31 8.66 4.33
C LEU A 4 -9.39 7.30 3.65
N PHE A 5 -10.36 6.50 4.06
CA PHE A 5 -10.52 5.15 3.47
C PHE A 5 -10.71 5.24 1.95
N LYS A 6 -9.63 5.10 1.20
CA LYS A 6 -9.74 5.17 -0.28
C LYS A 6 -8.95 4.02 -0.91
N LYS A 7 -8.47 3.12 -0.09
CA LYS A 7 -7.68 1.97 -0.64
C LYS A 7 -7.29 1.01 0.51
N ILE A 8 -6.48 0.04 0.22
CA ILE A 8 -6.07 -0.92 1.29
C ILE A 8 -4.55 -1.09 1.29
N GLY A 9 -3.87 -0.48 0.36
CA GLY A 9 -2.39 -0.61 0.32
C GLY A 9 -2.01 -1.64 -0.73
N ILE A 10 -2.66 -1.60 -1.85
CA ILE A 10 -2.37 -2.58 -2.92
C ILE A 10 -1.21 -2.11 -3.80
N GLY A 11 -0.71 -0.93 -3.55
CA GLY A 11 0.43 -0.40 -4.36
C GLY A 11 1.73 -0.97 -3.81
N LYS A 12 1.78 -1.18 -2.53
CA LYS A 12 3.01 -1.74 -1.91
C LYS A 12 2.98 -3.27 -2.00
N PHE A 13 1.85 -3.82 -2.36
CA PHE A 13 1.74 -5.30 -2.47
C PHE A 13 2.80 -5.83 -3.43
N LEU A 14 2.64 -5.53 -4.69
CA LEU A 14 3.62 -6.00 -5.70
C LEU A 14 5.03 -5.63 -5.27
N HIS A 15 5.16 -4.68 -4.40
CA HIS A 15 6.49 -4.26 -3.93
C HIS A 15 6.94 -5.13 -2.75
N SER A 16 6.02 -5.52 -1.93
CA SER A 16 6.38 -6.35 -0.75
C SER A 16 6.98 -7.68 -1.20
N ALA A 17 6.42 -8.27 -2.20
CA ALA A 17 6.96 -9.55 -2.70
C ALA A 17 8.28 -9.29 -3.40
N LYS A 18 8.37 -8.16 -4.02
CA LYS A 18 9.64 -7.81 -4.70
C LYS A 18 10.68 -7.44 -3.64
N LYS A 19 10.25 -7.27 -2.42
CA LYS A 19 11.20 -6.93 -1.34
C LYS A 19 11.81 -8.21 -0.75
N PHE A 20 11.19 -9.33 -0.98
CA PHE A 20 11.71 -10.61 -0.44
C PHE A 20 12.26 -11.48 -1.58
N LYS A 1 -13.74 14.55 11.36
CA LYS A 1 -13.80 13.20 10.73
C LYS A 1 -14.02 13.34 9.22
N ALA A 2 -12.97 13.26 8.45
CA ALA A 2 -13.12 13.37 6.97
C ALA A 2 -11.75 13.24 6.29
N LYS A 3 -11.29 12.04 6.09
CA LYS A 3 -9.96 11.84 5.43
C LYS A 3 -9.98 10.56 4.59
N LEU A 4 -9.02 10.41 3.71
CA LEU A 4 -8.99 9.18 2.85
C LEU A 4 -7.59 8.56 2.88
N PHE A 5 -6.68 9.16 3.60
CA PHE A 5 -5.30 8.60 3.66
C PHE A 5 -5.23 7.43 4.65
N LYS A 6 -5.90 6.36 4.36
CA LYS A 6 -5.87 5.19 5.29
C LYS A 6 -5.75 3.90 4.47
N LYS A 7 -5.36 3.99 3.23
CA LYS A 7 -5.23 2.75 2.40
C LYS A 7 -4.02 2.84 1.48
N ILE A 8 -2.83 2.76 2.01
CA ILE A 8 -1.62 2.84 1.15
C ILE A 8 -0.62 1.75 1.52
N GLY A 9 -0.91 0.97 2.52
CA GLY A 9 0.02 -0.11 2.95
C GLY A 9 0.23 -1.14 1.83
N ILE A 10 -0.52 -1.04 0.77
CA ILE A 10 -0.37 -2.02 -0.35
C ILE A 10 0.66 -1.50 -1.36
N GLY A 11 1.15 -0.31 -1.16
CA GLY A 11 2.16 0.24 -2.12
C GLY A 11 3.45 -0.54 -1.98
N LYS A 12 3.64 -1.16 -0.85
CA LYS A 12 4.88 -1.97 -0.62
C LYS A 12 4.67 -3.38 -1.17
N PHE A 13 3.49 -3.91 -1.03
CA PHE A 13 3.22 -5.28 -1.53
C PHE A 13 3.45 -5.33 -3.03
N LEU A 14 2.95 -4.36 -3.71
CA LEU A 14 3.13 -4.31 -5.19
C LEU A 14 4.62 -4.20 -5.53
N HIS A 15 5.35 -3.55 -4.67
CA HIS A 15 6.81 -3.40 -4.90
C HIS A 15 7.53 -4.65 -4.44
N SER A 16 7.07 -5.22 -3.36
CA SER A 16 7.71 -6.47 -2.84
C SER A 16 7.44 -7.61 -3.80
N ALA A 17 6.49 -7.43 -4.67
CA ALA A 17 6.18 -8.50 -5.66
C ALA A 17 7.17 -8.40 -6.81
N LYS A 18 7.52 -7.21 -7.16
CA LYS A 18 8.50 -7.01 -8.25
C LYS A 18 9.88 -7.44 -7.77
N LYS A 19 10.03 -7.58 -6.48
CA LYS A 19 11.34 -8.02 -5.92
C LYS A 19 11.43 -9.55 -5.93
N PHE A 20 10.30 -10.18 -5.97
CA PHE A 20 10.28 -11.67 -5.96
C PHE A 20 9.67 -12.20 -7.26
N LYS A 1 -7.56 12.81 11.96
CA LYS A 1 -6.07 12.69 12.10
C LYS A 1 -5.67 11.24 12.34
N ALA A 2 -6.41 10.53 13.15
CA ALA A 2 -6.07 9.11 13.43
C ALA A 2 -6.50 8.21 12.27
N LYS A 3 -6.09 8.54 11.07
CA LYS A 3 -6.48 7.70 9.91
C LYS A 3 -5.53 7.97 8.73
N LEU A 4 -5.44 7.05 7.81
CA LEU A 4 -4.52 7.25 6.65
C LEU A 4 -5.21 6.79 5.36
N PHE A 5 -6.44 7.17 5.17
CA PHE A 5 -7.18 6.76 3.94
C PHE A 5 -6.49 7.34 2.70
N LYS A 6 -5.35 6.81 2.35
CA LYS A 6 -4.63 7.30 1.15
C LYS A 6 -4.01 6.12 0.40
N LYS A 7 -4.37 4.93 0.77
CA LYS A 7 -3.79 3.73 0.07
C LYS A 7 -4.89 2.73 -0.27
N ILE A 8 -4.83 2.15 -1.43
CA ILE A 8 -5.85 1.15 -1.84
C ILE A 8 -5.16 -0.14 -2.30
N GLY A 9 -5.12 -0.40 -3.57
CA GLY A 9 -4.44 -1.63 -4.05
C GLY A 9 -3.03 -1.27 -4.52
N ILE A 10 -2.74 0.00 -4.61
CA ILE A 10 -1.38 0.42 -5.06
C ILE A 10 -0.45 0.56 -3.86
N GLY A 11 -0.98 0.50 -2.68
CA GLY A 11 -0.13 0.62 -1.46
C GLY A 11 0.81 -0.58 -1.40
N LYS A 12 0.28 -1.74 -1.61
CA LYS A 12 1.12 -2.97 -1.58
C LYS A 12 1.76 -3.18 -2.95
N PHE A 13 1.15 -2.66 -3.98
CA PHE A 13 1.72 -2.84 -5.35
C PHE A 13 3.19 -2.45 -5.35
N LEU A 14 3.45 -1.21 -5.12
CA LEU A 14 4.87 -0.74 -5.10
C LEU A 14 5.69 -1.67 -4.20
N HIS A 15 5.03 -2.33 -3.30
CA HIS A 15 5.75 -3.27 -2.40
C HIS A 15 6.12 -4.52 -3.17
N SER A 16 5.19 -5.07 -3.87
CA SER A 16 5.48 -6.28 -4.69
C SER A 16 6.51 -5.93 -5.75
N ALA A 17 6.70 -4.66 -5.99
CA ALA A 17 7.71 -4.23 -7.00
C ALA A 17 9.09 -4.30 -6.36
N LYS A 18 9.19 -3.85 -5.15
CA LYS A 18 10.49 -3.89 -4.44
C LYS A 18 10.80 -5.34 -4.08
N LYS A 19 9.79 -6.15 -4.05
CA LYS A 19 9.99 -7.60 -3.75
C LYS A 19 10.33 -8.35 -5.03
N PHE A 20 10.04 -7.75 -6.15
CA PHE A 20 10.31 -8.41 -7.45
C PHE A 20 11.53 -7.78 -8.12
N LYS A 1 -13.14 15.77 10.50
CA LYS A 1 -12.38 15.68 9.22
C LYS A 1 -12.91 14.53 8.36
N ALA A 2 -12.65 14.55 7.09
CA ALA A 2 -13.14 13.45 6.21
C ALA A 2 -12.30 12.19 6.41
N LYS A 3 -12.62 11.14 5.72
CA LYS A 3 -11.84 9.87 5.87
C LYS A 3 -11.67 9.19 4.52
N LEU A 4 -10.45 9.06 4.05
CA LEU A 4 -10.21 8.41 2.73
C LEU A 4 -8.88 7.65 2.75
N PHE A 5 -8.53 7.06 3.86
CA PHE A 5 -7.24 6.31 3.94
C PHE A 5 -7.50 4.80 3.83
N LYS A 6 -7.77 4.33 2.64
CA LYS A 6 -8.03 2.87 2.46
C LYS A 6 -7.19 2.34 1.30
N LYS A 7 -6.18 3.06 0.90
CA LYS A 7 -5.31 2.59 -0.23
C LYS A 7 -4.10 3.50 -0.38
N ILE A 8 -3.40 3.74 0.69
CA ILE A 8 -2.20 4.63 0.63
C ILE A 8 -1.00 3.94 1.28
N GLY A 9 -1.20 2.78 1.83
CA GLY A 9 -0.07 2.04 2.49
C GLY A 9 0.71 1.25 1.45
N ILE A 10 0.51 1.52 0.19
CA ILE A 10 1.24 0.78 -0.88
C ILE A 10 2.74 1.04 -0.78
N GLY A 11 3.15 1.94 0.06
CA GLY A 11 4.61 2.23 0.19
C GLY A 11 5.38 0.93 0.27
N LYS A 12 4.79 -0.08 0.85
CA LYS A 12 5.48 -1.39 0.95
C LYS A 12 5.40 -2.13 -0.37
N PHE A 13 4.25 -2.11 -1.00
CA PHE A 13 4.11 -2.80 -2.31
C PHE A 13 5.31 -2.49 -3.17
N LEU A 14 5.61 -1.24 -3.27
CA LEU A 14 6.78 -0.80 -4.09
C LEU A 14 7.99 -1.68 -3.76
N HIS A 15 8.02 -2.18 -2.56
CA HIS A 15 9.15 -3.05 -2.14
C HIS A 15 8.87 -4.49 -2.56
N SER A 16 7.71 -4.97 -2.25
CA SER A 16 7.34 -6.36 -2.63
C SER A 16 7.27 -6.47 -4.14
N ALA A 17 7.07 -5.37 -4.80
CA ALA A 17 7.02 -5.39 -6.29
C ALA A 17 8.43 -5.48 -6.82
N LYS A 18 9.35 -4.94 -6.09
CA LYS A 18 10.77 -5.00 -6.51
C LYS A 18 11.28 -6.43 -6.29
N LYS A 19 10.52 -7.22 -5.58
CA LYS A 19 10.93 -8.63 -5.33
C LYS A 19 10.48 -9.51 -6.49
N PHE A 20 9.33 -9.25 -6.99
CA PHE A 20 8.78 -10.05 -8.12
C PHE A 20 9.39 -9.56 -9.45
N LYS A 1 -9.81 9.64 11.86
CA LYS A 1 -10.97 9.84 10.96
C LYS A 1 -10.58 10.77 9.81
N ALA A 2 -10.11 11.95 10.13
CA ALA A 2 -9.70 12.91 9.07
C ALA A 2 -8.39 12.46 8.43
N LYS A 3 -8.45 11.52 7.53
CA LYS A 3 -7.19 11.03 6.89
C LYS A 3 -7.49 10.49 5.49
N LEU A 4 -6.55 9.77 4.92
CA LEU A 4 -6.76 9.21 3.55
C LEU A 4 -6.40 7.72 3.52
N PHE A 5 -6.35 7.09 4.67
CA PHE A 5 -6.01 5.65 4.71
C PHE A 5 -7.27 4.79 4.66
N LYS A 6 -7.56 4.23 3.51
CA LYS A 6 -8.78 3.38 3.39
C LYS A 6 -8.47 2.18 2.49
N LYS A 7 -7.21 1.90 2.25
CA LYS A 7 -6.86 0.75 1.37
C LYS A 7 -5.63 0.01 1.92
N ILE A 8 -5.70 -1.29 2.00
CA ILE A 8 -4.54 -2.07 2.52
C ILE A 8 -4.19 -3.20 1.55
N GLY A 9 -4.98 -3.37 0.52
CA GLY A 9 -4.70 -4.47 -0.45
C GLY A 9 -3.55 -4.08 -1.36
N ILE A 10 -3.06 -2.88 -1.24
CA ILE A 10 -1.92 -2.45 -2.11
C ILE A 10 -0.72 -2.04 -1.25
N GLY A 11 -0.94 -1.84 0.01
CA GLY A 11 0.18 -1.45 0.91
C GLY A 11 1.25 -2.52 0.89
N LYS A 12 0.85 -3.73 1.11
CA LYS A 12 1.82 -4.86 1.11
C LYS A 12 2.04 -5.38 -0.31
N PHE A 13 1.11 -5.16 -1.19
CA PHE A 13 1.27 -5.64 -2.59
C PHE A 13 2.40 -4.87 -3.26
N LEU A 14 2.33 -3.59 -3.21
CA LEU A 14 3.39 -2.76 -3.84
C LEU A 14 4.72 -3.02 -3.13
N HIS A 15 4.64 -3.50 -1.92
CA HIS A 15 5.87 -3.79 -1.16
C HIS A 15 6.39 -5.18 -1.53
N SER A 16 5.50 -6.11 -1.65
CA SER A 16 5.93 -7.49 -2.03
C SER A 16 6.40 -7.48 -3.48
N ALA A 17 6.15 -6.41 -4.18
CA ALA A 17 6.61 -6.30 -5.58
C ALA A 17 8.06 -5.85 -5.60
N LYS A 18 8.40 -4.97 -4.72
CA LYS A 18 9.81 -4.50 -4.65
C LYS A 18 10.69 -5.63 -4.13
N LYS A 19 10.08 -6.61 -3.51
CA LYS A 19 10.86 -7.77 -2.98
C LYS A 19 11.04 -8.83 -4.06
N PHE A 20 10.24 -8.77 -5.09
CA PHE A 20 10.36 -9.78 -6.17
C PHE A 20 10.77 -9.10 -7.48
N LYS A 1 12.41 -16.24 -12.06
CA LYS A 1 13.60 -15.35 -12.20
C LYS A 1 13.93 -14.71 -10.84
N ALA A 2 12.96 -14.10 -10.21
CA ALA A 2 13.21 -13.45 -8.90
C ALA A 2 11.96 -13.56 -8.01
N LYS A 3 12.05 -13.15 -6.77
CA LYS A 3 10.87 -13.24 -5.88
C LYS A 3 11.10 -12.48 -4.57
N LEU A 4 10.69 -11.25 -4.51
CA LEU A 4 10.88 -10.46 -3.24
C LEU A 4 9.65 -9.57 -3.02
N PHE A 5 8.48 -10.14 -3.12
CA PHE A 5 7.24 -9.33 -2.93
C PHE A 5 7.23 -8.63 -1.57
N LYS A 6 7.49 -7.36 -1.56
CA LYS A 6 7.48 -6.59 -0.28
C LYS A 6 6.86 -5.22 -0.52
N LYS A 7 6.16 -5.07 -1.62
CA LYS A 7 5.53 -3.76 -1.95
C LYS A 7 4.07 -3.98 -2.38
N ILE A 8 3.14 -3.40 -1.66
CA ILE A 8 1.70 -3.57 -2.03
C ILE A 8 1.01 -2.20 -2.14
N GLY A 9 0.64 -1.62 -1.05
CA GLY A 9 -0.03 -0.29 -1.10
C GLY A 9 -1.19 -0.26 -0.11
N ILE A 10 -1.52 -1.38 0.47
CA ILE A 10 -2.65 -1.42 1.44
C ILE A 10 -2.35 -0.52 2.63
N GLY A 11 -1.13 -0.06 2.75
CA GLY A 11 -0.78 0.83 3.89
C GLY A 11 -1.57 2.12 3.76
N LYS A 12 -1.97 2.45 2.56
CA LYS A 12 -2.75 3.68 2.34
C LYS A 12 -4.24 3.40 2.56
N PHE A 13 -4.69 2.23 2.22
CA PHE A 13 -6.12 1.89 2.43
C PHE A 13 -6.54 2.23 3.85
N LEU A 14 -5.89 1.64 4.79
CA LEU A 14 -6.22 1.91 6.21
C LEU A 14 -6.20 3.42 6.47
N HIS A 15 -5.53 4.14 5.62
CA HIS A 15 -5.46 5.61 5.78
C HIS A 15 -6.73 6.24 5.20
N SER A 16 -7.19 5.69 4.12
CA SER A 16 -8.43 6.22 3.50
C SER A 16 -9.62 5.83 4.36
N ALA A 17 -9.48 4.76 5.09
CA ALA A 17 -10.57 4.33 5.99
C ALA A 17 -10.61 5.26 7.19
N LYS A 18 -9.45 5.65 7.64
CA LYS A 18 -9.37 6.59 8.79
C LYS A 18 -9.95 7.93 8.36
N LYS A 19 -10.08 8.13 7.07
CA LYS A 19 -10.64 9.41 6.56
C LYS A 19 -12.16 9.33 6.51
N PHE A 20 -12.67 8.25 6.00
CA PHE A 20 -14.15 8.09 5.90
C PHE A 20 -14.61 6.89 6.75
N LYS A 1 12.19 -11.66 -5.51
CA LYS A 1 13.63 -11.86 -5.18
C LYS A 1 14.07 -10.85 -4.11
N ALA A 2 13.46 -10.89 -2.96
CA ALA A 2 13.84 -9.93 -1.88
C ALA A 2 13.48 -8.51 -2.29
N LYS A 3 12.22 -8.23 -2.48
CA LYS A 3 11.82 -6.85 -2.89
C LYS A 3 10.29 -6.75 -3.00
N LEU A 4 9.79 -5.57 -3.23
CA LEU A 4 8.31 -5.40 -3.35
C LEU A 4 7.99 -4.28 -4.34
N PHE A 5 8.67 -4.25 -5.45
CA PHE A 5 8.40 -3.18 -6.46
C PHE A 5 7.46 -3.70 -7.56
N LYS A 6 6.36 -4.26 -7.17
CA LYS A 6 5.39 -4.78 -8.18
C LYS A 6 4.00 -4.24 -7.88
N LYS A 7 3.92 -3.28 -6.99
CA LYS A 7 2.59 -2.69 -6.64
C LYS A 7 2.79 -1.41 -5.82
N ILE A 8 2.01 -0.40 -6.08
CA ILE A 8 2.16 0.87 -5.32
C ILE A 8 0.83 1.29 -4.71
N GLY A 9 -0.22 0.58 -5.00
CA GLY A 9 -1.55 0.95 -4.45
C GLY A 9 -1.53 0.89 -2.93
N ILE A 10 -0.49 0.33 -2.36
CA ILE A 10 -0.41 0.24 -0.87
C ILE A 10 -0.30 1.64 -0.27
N GLY A 11 0.50 2.47 -0.86
CA GLY A 11 0.67 3.85 -0.34
C GLY A 11 -0.68 4.54 -0.30
N LYS A 12 -1.63 4.04 -1.04
CA LYS A 12 -2.99 4.65 -1.04
C LYS A 12 -3.81 4.07 0.11
N PHE A 13 -3.76 2.78 0.31
CA PHE A 13 -4.54 2.18 1.43
C PHE A 13 -4.17 2.87 2.73
N LEU A 14 -2.91 2.90 3.03
CA LEU A 14 -2.45 3.58 4.26
C LEU A 14 -2.96 5.01 4.27
N HIS A 15 -3.17 5.55 3.11
CA HIS A 15 -3.69 6.94 3.00
C HIS A 15 -5.14 6.96 3.43
N SER A 16 -5.85 5.95 3.06
CA SER A 16 -7.29 5.86 3.47
C SER A 16 -7.37 5.77 4.99
N ALA A 17 -6.26 5.49 5.62
CA ALA A 17 -6.26 5.41 7.10
C ALA A 17 -6.25 6.82 7.69
N LYS A 18 -5.38 7.63 7.20
CA LYS A 18 -5.33 9.04 7.69
C LYS A 18 -6.60 9.76 7.24
N LYS A 19 -7.24 9.22 6.24
CA LYS A 19 -8.50 9.84 5.73
C LYS A 19 -9.69 9.32 6.53
N PHE A 20 -9.51 8.23 7.21
CA PHE A 20 -10.62 7.65 8.02
C PHE A 20 -10.47 8.06 9.48
N LYS A 1 14.58 -11.32 -7.92
CA LYS A 1 14.31 -12.40 -8.91
C LYS A 1 13.09 -12.06 -9.75
N ALA A 2 13.16 -11.03 -10.55
CA ALA A 2 11.99 -10.65 -11.39
C ALA A 2 10.70 -10.71 -10.55
N LYS A 3 10.45 -9.72 -9.74
CA LYS A 3 9.23 -9.74 -8.90
C LYS A 3 9.07 -8.41 -8.15
N LEU A 4 7.88 -8.08 -7.76
CA LEU A 4 7.65 -6.81 -7.03
C LEU A 4 6.82 -7.08 -5.77
N PHE A 5 6.96 -8.25 -5.21
CA PHE A 5 6.17 -8.60 -3.99
C PHE A 5 6.56 -7.68 -2.82
N LYS A 6 6.23 -6.43 -2.90
CA LYS A 6 6.56 -5.49 -1.79
C LYS A 6 5.31 -4.70 -1.41
N LYS A 7 4.17 -5.18 -1.82
CA LYS A 7 2.89 -4.47 -1.50
C LYS A 7 1.86 -5.48 -1.00
N ILE A 8 1.27 -5.23 0.14
CA ILE A 8 0.26 -6.17 0.67
C ILE A 8 -1.04 -5.44 1.00
N GLY A 9 -0.96 -4.50 1.88
CA GLY A 9 -2.18 -3.72 2.26
C GLY A 9 -1.82 -2.24 2.34
N ILE A 10 -0.62 -1.87 1.99
CA ILE A 10 -0.23 -0.44 2.06
C ILE A 10 -0.97 0.37 0.99
N GLY A 11 -1.58 -0.32 0.06
CA GLY A 11 -2.31 0.39 -1.02
C GLY A 11 -3.49 1.13 -0.41
N LYS A 12 -4.27 0.44 0.36
CA LYS A 12 -5.45 1.07 1.02
C LYS A 12 -4.98 1.93 2.20
N PHE A 13 -3.70 1.93 2.48
CA PHE A 13 -3.18 2.74 3.60
C PHE A 13 -3.46 4.21 3.36
N LEU A 14 -3.05 4.69 2.23
CA LEU A 14 -3.30 6.12 1.89
C LEU A 14 -4.79 6.42 2.01
N HIS A 15 -5.59 5.39 1.95
CA HIS A 15 -7.05 5.58 2.09
C HIS A 15 -7.40 5.73 3.55
N SER A 16 -6.94 4.83 4.35
CA SER A 16 -7.20 4.92 5.81
C SER A 16 -6.56 6.20 6.34
N ALA A 17 -5.72 6.82 5.57
CA ALA A 17 -5.07 8.07 6.00
C ALA A 17 -6.05 9.22 5.83
N LYS A 18 -6.73 9.23 4.73
CA LYS A 18 -7.74 10.30 4.51
C LYS A 18 -8.95 10.01 5.38
N LYS A 19 -9.01 8.81 5.92
CA LYS A 19 -10.15 8.44 6.81
C LYS A 19 -9.83 8.88 8.23
N PHE A 20 -8.58 9.05 8.54
CA PHE A 20 -8.20 9.47 9.91
C PHE A 20 -7.52 10.84 9.87
N LYS A 1 15.84 -12.95 -8.32
CA LYS A 1 15.30 -13.70 -9.49
C LYS A 1 13.77 -13.78 -9.41
N ALA A 2 13.08 -13.06 -10.23
CA ALA A 2 11.58 -13.10 -10.20
C ALA A 2 11.07 -12.90 -8.78
N LYS A 3 10.99 -11.68 -8.33
CA LYS A 3 10.49 -11.42 -6.95
C LYS A 3 9.84 -10.04 -6.87
N LEU A 4 8.56 -9.96 -7.14
CA LEU A 4 7.88 -8.63 -7.08
C LEU A 4 6.57 -8.75 -6.29
N PHE A 5 6.32 -9.87 -5.69
CA PHE A 5 5.06 -10.03 -4.90
C PHE A 5 5.33 -9.81 -3.42
N LYS A 6 6.03 -8.76 -3.09
CA LYS A 6 6.32 -8.47 -1.67
C LYS A 6 6.14 -6.97 -1.43
N LYS A 7 5.41 -6.31 -2.29
CA LYS A 7 5.21 -4.84 -2.10
C LYS A 7 3.83 -4.41 -2.62
N ILE A 8 3.16 -3.57 -1.87
CA ILE A 8 1.81 -3.10 -2.31
C ILE A 8 1.69 -1.58 -2.08
N GLY A 9 1.03 -1.17 -1.04
CA GLY A 9 0.88 0.30 -0.78
C GLY A 9 -0.57 0.63 -0.47
N ILE A 10 -1.43 -0.34 -0.46
CA ILE A 10 -2.87 -0.07 -0.16
C ILE A 10 -3.13 -0.16 1.35
N GLY A 11 -2.14 -0.58 2.09
CA GLY A 11 -2.32 -0.69 3.57
C GLY A 11 -2.69 0.67 4.14
N LYS A 12 -1.75 1.56 4.18
CA LYS A 12 -2.00 2.92 4.73
C LYS A 12 -3.06 3.64 3.90
N PHE A 13 -3.43 3.10 2.77
CA PHE A 13 -4.47 3.76 1.93
C PHE A 13 -5.76 3.91 2.71
N LEU A 14 -6.34 2.83 3.11
CA LEU A 14 -7.61 2.90 3.88
C LEU A 14 -7.40 3.81 5.09
N HIS A 15 -6.17 4.01 5.47
CA HIS A 15 -5.88 4.90 6.62
C HIS A 15 -6.15 6.33 6.20
N SER A 16 -5.84 6.65 4.98
CA SER A 16 -6.07 8.02 4.48
C SER A 16 -7.56 8.32 4.52
N ALA A 17 -8.36 7.31 4.45
CA ALA A 17 -9.84 7.52 4.51
C ALA A 17 -10.21 7.95 5.92
N LYS A 18 -9.56 7.39 6.88
CA LYS A 18 -9.85 7.77 8.29
C LYS A 18 -9.37 9.21 8.51
N LYS A 19 -8.62 9.73 7.57
CA LYS A 19 -8.12 11.13 7.70
C LYS A 19 -9.17 12.10 7.19
N PHE A 20 -10.04 11.62 6.34
CA PHE A 20 -11.11 12.50 5.78
C PHE A 20 -12.48 12.01 6.22
N LYS A 1 11.26 -9.98 3.87
CA LYS A 1 11.10 -10.14 2.39
C LYS A 1 10.90 -8.77 1.75
N ALA A 2 11.67 -8.46 0.73
CA ALA A 2 11.52 -7.14 0.05
C ALA A 2 11.32 -7.34 -1.45
N LYS A 3 10.23 -7.93 -1.85
CA LYS A 3 9.99 -8.15 -3.31
C LYS A 3 8.49 -8.11 -3.60
N LEU A 4 7.95 -6.93 -3.79
CA LEU A 4 6.49 -6.82 -4.08
C LEU A 4 6.18 -5.46 -4.70
N PHE A 5 7.10 -4.91 -5.44
CA PHE A 5 6.86 -3.57 -6.07
C PHE A 5 6.46 -3.74 -7.53
N LYS A 6 5.41 -4.48 -7.79
CA LYS A 6 4.96 -4.68 -9.20
C LYS A 6 3.47 -4.39 -9.30
N LYS A 7 2.89 -3.83 -8.27
CA LYS A 7 1.42 -3.52 -8.32
C LYS A 7 0.97 -2.93 -6.99
N ILE A 8 0.00 -2.06 -7.01
CA ILE A 8 -0.49 -1.44 -5.76
C ILE A 8 -2.01 -1.62 -5.66
N GLY A 9 -2.77 -0.56 -5.81
CA GLY A 9 -4.25 -0.68 -5.72
C GLY A 9 -4.67 -0.68 -4.26
N ILE A 10 -4.08 -1.53 -3.49
CA ILE A 10 -4.43 -1.62 -2.05
C ILE A 10 -3.33 -0.97 -1.20
N GLY A 11 -2.25 -0.58 -1.81
CA GLY A 11 -1.15 0.07 -1.03
C GLY A 11 -1.65 1.39 -0.46
N LYS A 12 -2.64 1.96 -1.08
CA LYS A 12 -3.21 3.25 -0.59
C LYS A 12 -4.26 2.97 0.49
N PHE A 13 -4.99 1.90 0.35
CA PHE A 13 -6.03 1.57 1.36
C PHE A 13 -5.43 1.62 2.75
N LEU A 14 -4.53 0.73 3.03
CA LEU A 14 -3.88 0.72 4.37
C LEU A 14 -3.26 2.09 4.65
N HIS A 15 -3.06 2.86 3.62
CA HIS A 15 -2.47 4.21 3.79
C HIS A 15 -3.56 5.18 4.24
N SER A 16 -4.72 5.06 3.67
CA SER A 16 -5.84 5.96 4.06
C SER A 16 -6.20 5.73 5.52
N ALA A 17 -5.80 4.62 6.06
CA ALA A 17 -6.10 4.34 7.49
C ALA A 17 -5.09 5.07 8.35
N LYS A 18 -3.87 5.10 7.93
CA LYS A 18 -2.83 5.83 8.70
C LYS A 18 -3.10 7.33 8.59
N LYS A 19 -3.93 7.70 7.64
CA LYS A 19 -4.25 9.15 7.47
C LYS A 19 -5.38 9.54 8.41
N PHE A 20 -6.11 8.58 8.91
CA PHE A 20 -7.23 8.90 9.82
C PHE A 20 -6.87 8.51 11.26
N LYS A 1 -11.79 5.37 12.89
CA LYS A 1 -11.92 5.04 11.44
C LYS A 1 -10.57 4.63 10.86
N ALA A 2 -10.57 3.84 9.82
CA ALA A 2 -9.29 3.40 9.22
C ALA A 2 -9.27 3.74 7.73
N LYS A 3 -8.27 4.46 7.27
CA LYS A 3 -8.21 4.82 5.83
C LYS A 3 -6.75 4.91 5.37
N LEU A 4 -6.55 5.06 4.09
CA LEU A 4 -5.14 5.17 3.57
C LEU A 4 -5.04 6.37 2.62
N PHE A 5 -5.80 7.40 2.85
CA PHE A 5 -5.74 8.59 1.95
C PHE A 5 -4.47 9.39 2.22
N LYS A 6 -3.34 8.75 2.14
CA LYS A 6 -2.04 9.46 2.37
C LYS A 6 -1.08 9.13 1.23
N LYS A 7 -1.57 8.50 0.20
CA LYS A 7 -0.70 8.14 -0.95
C LYS A 7 -1.56 7.63 -2.11
N ILE A 8 -0.98 7.39 -3.25
CA ILE A 8 -1.79 6.89 -4.40
C ILE A 8 -1.17 5.62 -4.99
N GLY A 9 -0.04 5.21 -4.51
CA GLY A 9 0.62 3.99 -5.04
C GLY A 9 0.51 2.85 -4.02
N ILE A 10 -0.26 3.03 -2.99
CA ILE A 10 -0.40 1.96 -1.97
C ILE A 10 -1.00 0.70 -2.60
N GLY A 11 -1.52 0.83 -3.78
CA GLY A 11 -2.11 -0.35 -4.47
C GLY A 11 -1.02 -1.38 -4.72
N LYS A 12 -0.11 -1.07 -5.58
CA LYS A 12 0.99 -2.02 -5.89
C LYS A 12 2.08 -1.93 -4.82
N PHE A 13 1.85 -1.18 -3.77
CA PHE A 13 2.87 -1.05 -2.71
C PHE A 13 2.89 -2.33 -1.87
N LEU A 14 1.74 -2.83 -1.58
CA LEU A 14 1.65 -4.09 -0.78
C LEU A 14 2.31 -5.23 -1.56
N HIS A 15 2.41 -5.06 -2.84
CA HIS A 15 3.05 -6.11 -3.69
C HIS A 15 4.56 -5.91 -3.69
N SER A 16 4.97 -4.70 -3.91
CA SER A 16 6.44 -4.41 -3.91
C SER A 16 6.96 -4.56 -2.48
N ALA A 17 6.08 -4.52 -1.53
CA ALA A 17 6.52 -4.69 -0.11
C ALA A 17 6.75 -6.16 0.15
N LYS A 18 5.97 -6.99 -0.45
CA LYS A 18 6.16 -8.46 -0.28
C LYS A 18 7.42 -8.88 -1.05
N LYS A 19 7.92 -8.00 -1.88
CA LYS A 19 9.14 -8.31 -2.67
C LYS A 19 10.38 -8.00 -1.84
N PHE A 20 10.27 -7.06 -0.96
CA PHE A 20 11.44 -6.70 -0.11
C PHE A 20 11.19 -7.10 1.35
N LYS A 1 -1.32 9.15 11.88
CA LYS A 1 -1.39 7.89 11.08
C LYS A 1 -2.84 7.46 10.91
N ALA A 2 -3.12 6.62 9.95
CA ALA A 2 -4.52 6.17 9.73
C ALA A 2 -5.45 7.38 9.57
N LYS A 3 -5.42 8.02 8.44
CA LYS A 3 -6.29 9.21 8.22
C LYS A 3 -6.31 9.58 6.74
N LEU A 4 -6.97 8.80 5.93
CA LEU A 4 -7.03 9.11 4.48
C LEU A 4 -7.88 8.07 3.75
N PHE A 5 -9.09 7.85 4.21
CA PHE A 5 -9.96 6.86 3.54
C PHE A 5 -10.50 7.41 2.22
N LYS A 6 -9.61 7.85 1.37
CA LYS A 6 -10.04 8.40 0.05
C LYS A 6 -9.18 7.80 -1.06
N LYS A 7 -8.40 6.80 -0.76
CA LYS A 7 -7.53 6.19 -1.81
C LYS A 7 -6.76 5.00 -1.25
N ILE A 8 -6.48 4.03 -2.09
CA ILE A 8 -5.71 2.84 -1.64
C ILE A 8 -4.52 2.61 -2.58
N GLY A 9 -4.59 1.62 -3.43
CA GLY A 9 -3.47 1.36 -4.38
C GLY A 9 -2.34 0.64 -3.67
N ILE A 10 -2.50 0.31 -2.42
CA ILE A 10 -1.42 -0.41 -1.68
C ILE A 10 -1.14 -1.77 -2.33
N GLY A 11 -1.98 -2.18 -3.22
CA GLY A 11 -1.77 -3.50 -3.90
C GLY A 11 -0.30 -3.63 -4.32
N LYS A 12 0.05 -2.96 -5.37
CA LYS A 12 1.46 -3.03 -5.86
C LYS A 12 2.45 -2.84 -4.72
N PHE A 13 2.07 -2.14 -3.68
CA PHE A 13 3.01 -1.92 -2.55
C PHE A 13 3.55 -3.26 -2.07
N LEU A 14 2.69 -4.12 -1.63
CA LEU A 14 3.14 -5.45 -1.16
C LEU A 14 3.98 -6.12 -2.25
N HIS A 15 3.82 -5.67 -3.45
CA HIS A 15 4.60 -6.25 -4.58
C HIS A 15 6.01 -5.68 -4.59
N SER A 16 6.13 -4.40 -4.45
CA SER A 16 7.48 -3.77 -4.45
C SER A 16 8.29 -4.30 -3.27
N ALA A 17 7.62 -4.87 -2.31
CA ALA A 17 8.35 -5.44 -1.14
C ALA A 17 8.92 -6.79 -1.54
N LYS A 18 8.17 -7.52 -2.30
CA LYS A 18 8.66 -8.85 -2.75
C LYS A 18 9.84 -8.65 -3.70
N LYS A 19 9.97 -7.46 -4.21
CA LYS A 19 11.11 -7.17 -5.13
C LYS A 19 12.33 -6.76 -4.33
N PHE A 20 12.16 -5.90 -3.39
CA PHE A 20 13.31 -5.43 -2.56
C PHE A 20 13.14 -5.93 -1.12
N LYS A 1 19.28 -11.11 -2.78
CA LYS A 1 18.88 -12.00 -3.92
C LYS A 1 17.38 -12.30 -3.84
N ALA A 2 16.60 -11.39 -3.32
CA ALA A 2 15.13 -11.64 -3.22
C ALA A 2 14.36 -10.52 -3.93
N LYS A 3 13.11 -10.75 -4.22
CA LYS A 3 12.30 -9.70 -4.91
C LYS A 3 10.93 -9.56 -4.24
N LEU A 4 10.51 -8.36 -3.96
CA LEU A 4 9.18 -8.16 -3.32
C LEU A 4 8.40 -7.04 -4.02
N PHE A 5 8.72 -6.77 -5.25
CA PHE A 5 8.00 -5.69 -5.98
C PHE A 5 6.76 -6.26 -6.67
N LYS A 6 5.89 -6.87 -5.91
CA LYS A 6 4.65 -7.45 -6.52
C LYS A 6 3.44 -6.98 -5.71
N LYS A 7 3.62 -5.95 -4.94
CA LYS A 7 2.49 -5.41 -4.12
C LYS A 7 2.53 -3.88 -4.16
N ILE A 8 1.58 -3.24 -3.52
CA ILE A 8 1.58 -1.74 -3.53
C ILE A 8 1.51 -1.19 -2.10
N GLY A 9 0.36 -1.19 -1.52
CA GLY A 9 0.22 -0.67 -0.13
C GLY A 9 -0.40 0.74 -0.16
N ILE A 10 -0.52 1.31 -1.32
CA ILE A 10 -1.12 2.67 -1.41
C ILE A 10 -2.64 2.58 -1.52
N GLY A 11 -3.14 1.43 -1.83
CA GLY A 11 -4.62 1.26 -1.94
C GLY A 11 -5.26 1.62 -0.61
N LYS A 12 -5.06 0.79 0.35
CA LYS A 12 -5.64 1.06 1.71
C LYS A 12 -5.17 2.44 2.19
N PHE A 13 -4.11 2.94 1.64
CA PHE A 13 -3.61 4.28 2.06
C PHE A 13 -4.65 5.34 1.71
N LEU A 14 -5.13 5.28 0.51
CA LEU A 14 -6.16 6.27 0.07
C LEU A 14 -7.36 6.23 1.02
N HIS A 15 -7.66 5.07 1.51
CA HIS A 15 -8.79 4.93 2.45
C HIS A 15 -8.37 5.34 3.86
N SER A 16 -7.20 4.93 4.23
CA SER A 16 -6.68 5.30 5.59
C SER A 16 -6.50 6.82 5.65
N ALA A 17 -6.45 7.46 4.52
CA ALA A 17 -6.28 8.93 4.50
C ALA A 17 -7.61 9.60 4.81
N LYS A 18 -8.66 9.08 4.23
CA LYS A 18 -10.00 9.66 4.50
C LYS A 18 -10.40 9.28 5.93
N LYS A 19 -9.74 8.32 6.49
CA LYS A 19 -10.05 7.88 7.87
C LYS A 19 -9.30 8.74 8.88
N PHE A 20 -8.11 9.13 8.55
CA PHE A 20 -7.31 9.97 9.47
C PHE A 20 -7.18 11.40 8.94
N LYS A 1 -7.89 8.82 13.04
CA LYS A 1 -6.51 9.06 12.52
C LYS A 1 -6.58 9.81 11.19
N ALA A 2 -5.57 10.57 10.87
CA ALA A 2 -5.58 11.33 9.59
C ALA A 2 -5.25 10.38 8.42
N LYS A 3 -6.26 9.80 7.82
CA LYS A 3 -5.99 8.86 6.69
C LYS A 3 -7.17 8.87 5.71
N LEU A 4 -6.89 8.96 4.44
CA LEU A 4 -7.97 8.96 3.42
C LEU A 4 -7.64 7.95 2.32
N PHE A 5 -6.58 7.21 2.48
CA PHE A 5 -6.20 6.21 1.45
C PHE A 5 -6.67 4.81 1.88
N LYS A 6 -7.75 4.35 1.31
CA LYS A 6 -8.28 3.01 1.67
C LYS A 6 -8.53 2.19 0.40
N LYS A 7 -8.00 2.63 -0.70
CA LYS A 7 -8.21 1.87 -1.98
C LYS A 7 -7.30 2.43 -3.08
N ILE A 8 -6.12 1.89 -3.21
CA ILE A 8 -5.17 2.39 -4.26
C ILE A 8 -4.68 1.24 -5.13
N GLY A 9 -5.03 0.04 -4.78
CA GLY A 9 -4.58 -1.13 -5.59
C GLY A 9 -3.51 -1.89 -4.82
N ILE A 10 -3.87 -3.01 -4.25
CA ILE A 10 -2.87 -3.80 -3.47
C ILE A 10 -2.05 -4.70 -4.40
N GLY A 11 -2.35 -4.66 -5.66
CA GLY A 11 -1.58 -5.51 -6.63
C GLY A 11 -0.08 -5.33 -6.42
N LYS A 12 0.46 -4.31 -7.02
CA LYS A 12 1.92 -4.05 -6.88
C LYS A 12 2.30 -3.88 -5.40
N PHE A 13 1.33 -3.68 -4.55
CA PHE A 13 1.65 -3.53 -3.11
C PHE A 13 2.42 -4.74 -2.62
N LEU A 14 2.05 -5.88 -3.11
CA LEU A 14 2.75 -7.14 -2.72
C LEU A 14 4.24 -6.97 -2.99
N HIS A 15 4.57 -6.12 -3.91
CA HIS A 15 6.01 -5.89 -4.23
C HIS A 15 6.67 -5.15 -3.09
N SER A 16 6.03 -4.14 -2.60
CA SER A 16 6.59 -3.37 -1.47
C SER A 16 6.72 -4.29 -0.25
N ALA A 17 6.09 -5.42 -0.31
CA ALA A 17 6.18 -6.38 0.83
C ALA A 17 7.48 -7.16 0.73
N LYS A 18 7.85 -7.50 -0.47
CA LYS A 18 9.12 -8.24 -0.67
C LYS A 18 10.30 -7.31 -0.38
N LYS A 19 10.03 -6.03 -0.38
CA LYS A 19 11.12 -5.05 -0.09
C LYS A 19 11.25 -4.84 1.41
N PHE A 20 10.24 -5.20 2.14
CA PHE A 20 10.29 -5.03 3.62
C PHE A 20 10.24 -6.39 4.33
#